data_5E3X
#
_entry.id   5E3X
#
_cell.length_a   107.105
_cell.length_b   56.757
_cell.length_c   89.183
_cell.angle_alpha   90.00
_cell.angle_beta   90.00
_cell.angle_gamma   90.00
#
_symmetry.space_group_name_H-M   'P 21 21 2'
#
loop_
_entity.id
_entity.type
_entity.pdbx_description
1 polymer 'Thermostable carboxypeptidase 1'
2 non-polymer 'COBALT (II) ION'
3 water water
#
_entity_poly.entity_id   1
_entity_poly.type   'polypeptide(L)'
_entity_poly.pdbx_seq_one_letter_code
;MEELKSYYKRVAKYYSAAALLYWDMQTYMPKDAGPYRAEVLSEIGTYAFKQITDDALGKLLETAQPQSEIDEKLVYVGKK
EYYKYKKVPPELFQEIMITSTMLEQKWEIAKPRGDFEEVRPLLEKIVDLSRKYADILGYEGEPYNALLDLYEPGMKAEEV
DQIFSKVRDFIVEVLEKIERLPKSEDPFNREIGVDKQKEFSNWLLHYLKYDFTKGRLDVSAHPFTNPIGLNDVRITTRYI
VNDIRNSIYSTIHEFGHALYALSIPTEFYGLPIGSSASYGFDESQSRFWENVVGRSLAFWKGIYSKFIEIVPEMRGYSVE
ELWRAVNRVQRSFIRTEADEVTYNLHIIIRFEIERELINGELSVKDVPDKWNELYKKYLGLDVPNNTLGCMQDPHWFGGN
FGYFPTYALGNLYAAQIFEKLKEEINFEEVVSAGNFEIIKNFLKEKIHSKGKMYEPSDLIKIVTGKPLSYESFVRYIKDK
YSKVYEIEL
;
_entity_poly.pdbx_strand_id   A
#
loop_
_chem_comp.id
_chem_comp.type
_chem_comp.name
_chem_comp.formula
CO non-polymer 'COBALT (II) ION' 'Co 2'
#
# COMPACT_ATOMS: atom_id res chain seq x y z
N MET A 1 -32.25 0.86 -4.56
CA MET A 1 -32.83 -0.35 -5.13
C MET A 1 -32.23 -1.64 -4.55
N GLU A 2 -33.05 -2.39 -3.81
CA GLU A 2 -32.63 -3.65 -3.22
C GLU A 2 -32.08 -4.59 -4.29
N GLU A 3 -32.64 -4.49 -5.50
CA GLU A 3 -32.27 -5.37 -6.59
C GLU A 3 -30.86 -5.08 -7.09
N LEU A 4 -30.47 -3.81 -7.05
CA LEU A 4 -29.13 -3.42 -7.45
C LEU A 4 -28.13 -3.95 -6.42
N LYS A 5 -28.45 -3.70 -5.16
CA LYS A 5 -27.65 -4.17 -4.05
C LYS A 5 -27.42 -5.70 -4.11
N SER A 6 -28.47 -6.46 -4.36
CA SER A 6 -28.35 -7.91 -4.44
C SER A 6 -27.42 -8.35 -5.55
N TYR A 7 -27.52 -7.69 -6.69
CA TYR A 7 -26.67 -8.05 -7.81
C TYR A 7 -25.21 -7.89 -7.41
N TYR A 8 -24.88 -6.79 -6.74
CA TYR A 8 -23.50 -6.54 -6.34
C TYR A 8 -23.08 -7.54 -5.26
N LYS A 9 -23.96 -7.75 -4.29
CA LYS A 9 -23.68 -8.65 -3.19
C LYS A 9 -23.45 -10.10 -3.67
N ARG A 10 -24.09 -10.45 -4.77
CA ARG A 10 -23.87 -11.76 -5.39
C ARG A 10 -22.49 -11.83 -6.06
N VAL A 11 -22.11 -10.78 -6.78
CA VAL A 11 -20.80 -10.77 -7.41
C VAL A 11 -19.69 -10.77 -6.35
N ALA A 12 -19.94 -10.11 -5.23
CA ALA A 12 -18.94 -10.00 -4.18
C ALA A 12 -18.60 -11.37 -3.59
N LYS A 13 -19.56 -12.27 -3.58
CA LYS A 13 -19.30 -13.64 -3.15
C LYS A 13 -18.25 -14.32 -3.99
N TYR A 14 -18.20 -14.01 -5.29
CA TYR A 14 -17.17 -14.59 -6.14
C TYR A 14 -15.84 -13.92 -5.88
N TYR A 15 -15.90 -12.64 -5.53
CA TYR A 15 -14.69 -11.91 -5.13
C TYR A 15 -14.16 -12.52 -3.84
N SER A 16 -15.07 -12.88 -2.94
CA SER A 16 -14.67 -13.50 -1.68
C SER A 16 -13.92 -14.79 -1.96
N ALA A 17 -14.47 -15.65 -2.81
CA ALA A 17 -13.81 -16.90 -3.17
C ALA A 17 -12.43 -16.64 -3.75
N ALA A 18 -12.34 -15.66 -4.65
CA ALA A 18 -11.07 -15.32 -5.27
C ALA A 18 -10.08 -14.85 -4.21
N ALA A 19 -10.56 -14.04 -3.27
CA ALA A 19 -9.70 -13.54 -2.22
C ALA A 19 -9.14 -14.69 -1.38
N LEU A 20 -9.98 -15.67 -1.04
CA LEU A 20 -9.50 -16.82 -0.26
C LEU A 20 -8.47 -17.62 -1.07
N LEU A 21 -8.76 -17.78 -2.36
CA LEU A 21 -7.86 -18.50 -3.26
C LEU A 21 -6.51 -17.82 -3.32
N TYR A 22 -6.50 -16.50 -3.33
CA TYR A 22 -5.24 -15.78 -3.29
C TYR A 22 -4.52 -15.93 -1.95
N TRP A 23 -5.27 -15.80 -0.86
CA TRP A 23 -4.72 -15.92 0.48
C TRP A 23 -4.06 -17.28 0.70
N ASP A 24 -4.75 -18.31 0.28
CA ASP A 24 -4.27 -19.65 0.52
C ASP A 24 -3.01 -19.89 -0.32
N MET A 25 -3.02 -19.34 -1.53
CA MET A 25 -1.91 -19.47 -2.45
C MET A 25 -0.61 -18.98 -1.85
N GLN A 26 -0.70 -17.89 -1.09
CA GLN A 26 0.44 -17.26 -0.45
C GLN A 26 0.80 -17.86 0.91
N THR A 27 -0.05 -18.72 1.45
CA THR A 27 0.16 -19.21 2.81
C THR A 27 0.26 -20.72 2.95
N TYR A 28 -0.77 -21.45 2.52
CA TYR A 28 -0.84 -22.88 2.82
C TYR A 28 -0.73 -23.81 1.61
N MET A 29 -0.96 -23.27 0.42
CA MET A 29 -0.96 -24.05 -0.81
C MET A 29 0.31 -24.86 -1.03
N PRO A 30 0.17 -26.15 -1.34
CA PRO A 30 1.31 -26.99 -1.71
C PRO A 30 1.88 -26.59 -3.05
N LYS A 31 3.19 -26.80 -3.16
CA LYS A 31 3.99 -26.32 -4.29
C LYS A 31 3.42 -26.66 -5.66
N ASP A 32 3.12 -27.94 -5.89
CA ASP A 32 2.65 -28.37 -7.20
C ASP A 32 1.22 -27.90 -7.54
N ALA A 33 0.49 -27.39 -6.55
CA ALA A 33 -0.88 -26.94 -6.78
C ALA A 33 -0.96 -25.60 -7.53
N GLY A 34 0.16 -24.87 -7.57
CA GLY A 34 0.22 -23.54 -8.17
C GLY A 34 -0.39 -23.32 -9.55
N PRO A 35 0.02 -24.12 -10.55
CA PRO A 35 -0.50 -23.85 -11.90
C PRO A 35 -2.02 -23.99 -11.97
N TYR A 36 -2.60 -25.00 -11.34
CA TYR A 36 -4.06 -25.14 -11.37
C TYR A 36 -4.76 -24.04 -10.55
N ARG A 37 -4.20 -23.71 -9.39
CA ARG A 37 -4.73 -22.61 -8.59
C ARG A 37 -4.80 -21.34 -9.43
N ALA A 38 -3.77 -21.10 -10.24
CA ALA A 38 -3.74 -19.94 -11.13
C ALA A 38 -4.89 -19.97 -12.10
N GLU A 39 -5.20 -21.15 -12.62
CA GLU A 39 -6.34 -21.33 -13.52
C GLU A 39 -7.68 -21.13 -12.85
N VAL A 40 -7.83 -21.62 -11.61
CA VAL A 40 -9.08 -21.38 -10.90
C VAL A 40 -9.29 -19.87 -10.69
N LEU A 41 -8.24 -19.21 -10.20
CA LEU A 41 -8.29 -17.78 -9.91
C LEU A 41 -8.69 -16.99 -11.15
N SER A 42 -8.02 -17.28 -12.25
CA SER A 42 -8.26 -16.58 -13.51
C SER A 42 -9.71 -16.74 -13.95
N GLU A 43 -10.25 -17.96 -13.81
CA GLU A 43 -11.60 -18.27 -14.20
C GLU A 43 -12.64 -17.51 -13.38
N ILE A 44 -12.47 -17.56 -12.07
CA ILE A 44 -13.37 -16.87 -11.16
C ILE A 44 -13.30 -15.35 -11.34
N GLY A 45 -12.09 -14.84 -11.54
CA GLY A 45 -11.91 -13.41 -11.73
C GLY A 45 -12.59 -12.94 -13.01
N THR A 46 -12.42 -13.71 -14.07
CA THR A 46 -12.99 -13.38 -15.37
C THR A 46 -14.51 -13.48 -15.35
N TYR A 47 -15.04 -14.45 -14.62
CA TYR A 47 -16.48 -14.53 -14.44
C TYR A 47 -17.02 -13.33 -13.67
N ALA A 48 -16.32 -12.95 -12.61
CA ALA A 48 -16.75 -11.81 -11.79
C ALA A 48 -16.76 -10.53 -12.63
N PHE A 49 -15.73 -10.37 -13.45
CA PHE A 49 -15.65 -9.25 -14.37
C PHE A 49 -16.81 -9.24 -15.37
N LYS A 50 -17.09 -10.39 -15.98
CA LYS A 50 -18.22 -10.51 -16.88
C LYS A 50 -19.48 -10.00 -16.20
N GLN A 51 -19.74 -10.49 -14.99
CA GLN A 51 -20.92 -10.09 -14.24
C GLN A 51 -20.97 -8.58 -13.99
N ILE A 52 -19.81 -7.98 -13.78
CA ILE A 52 -19.74 -6.58 -13.35
C ILE A 52 -19.73 -5.62 -14.55
N THR A 53 -19.57 -6.16 -15.76
CA THR A 53 -19.66 -5.35 -16.96
C THR A 53 -20.79 -5.84 -17.86
N ASP A 54 -21.81 -6.43 -17.26
CA ASP A 54 -22.90 -7.06 -18.01
C ASP A 54 -24.14 -6.17 -18.13
N ASP A 55 -24.85 -6.31 -19.25
CA ASP A 55 -26.03 -5.50 -19.55
C ASP A 55 -27.07 -5.44 -18.44
N ALA A 56 -27.31 -6.57 -17.80
CA ALA A 56 -28.25 -6.62 -16.70
C ALA A 56 -27.89 -5.65 -15.57
N LEU A 57 -26.59 -5.39 -15.39
CA LEU A 57 -26.15 -4.49 -14.32
C LEU A 57 -26.32 -3.05 -14.76
N GLY A 58 -25.90 -2.76 -15.99
CA GLY A 58 -26.19 -1.47 -16.61
C GLY A 58 -27.67 -1.16 -16.56
N LYS A 59 -28.50 -2.15 -16.85
CA LYS A 59 -29.96 -1.95 -16.82
C LYS A 59 -30.42 -1.64 -15.41
N LEU A 60 -29.84 -2.33 -14.43
CA LEU A 60 -30.18 -2.06 -13.04
C LEU A 60 -29.69 -0.68 -12.60
N LEU A 61 -28.50 -0.32 -13.04
CA LEU A 61 -27.94 0.98 -12.70
C LEU A 61 -28.78 2.10 -13.31
N GLU A 62 -29.22 1.92 -14.54
CA GLU A 62 -30.01 2.96 -15.22
C GLU A 62 -31.47 3.00 -14.76
N THR A 63 -31.91 2.01 -13.99
CA THR A 63 -33.32 1.99 -13.59
C THR A 63 -33.54 2.23 -12.11
N ALA A 64 -32.46 2.20 -11.35
CA ALA A 64 -32.59 2.34 -9.90
C ALA A 64 -32.98 3.77 -9.56
N GLN A 65 -33.84 3.91 -8.56
CA GLN A 65 -34.25 5.22 -8.09
C GLN A 65 -33.81 5.40 -6.66
N PRO A 66 -32.67 6.06 -6.46
CA PRO A 66 -32.13 6.32 -5.12
C PRO A 66 -33.18 6.95 -4.21
N GLN A 67 -33.20 6.50 -2.96
CA GLN A 67 -34.12 7.03 -1.97
C GLN A 67 -33.39 7.95 -0.99
N SER A 68 -32.16 7.58 -0.65
CA SER A 68 -31.36 8.33 0.33
C SER A 68 -30.07 8.83 -0.31
N GLU A 69 -29.31 9.64 0.43
CA GLU A 69 -28.04 10.17 -0.07
C GLU A 69 -27.04 9.05 -0.37
N ILE A 70 -26.98 8.05 0.51
CA ILE A 70 -26.09 6.91 0.30
C ILE A 70 -26.40 6.14 -0.98
N ASP A 71 -27.69 5.95 -1.25
CA ASP A 71 -28.13 5.32 -2.49
C ASP A 71 -27.62 6.08 -3.71
N GLU A 72 -27.69 7.41 -3.65
CA GLU A 72 -27.19 8.27 -4.73
C GLU A 72 -25.71 8.00 -5.03
N LYS A 73 -24.86 8.06 -3.99
CA LYS A 73 -23.43 7.80 -4.12
C LYS A 73 -23.19 6.44 -4.75
N LEU A 74 -23.93 5.45 -4.26
CA LEU A 74 -23.84 4.07 -4.73
C LEU A 74 -24.02 4.00 -6.24
N VAL A 75 -25.13 4.56 -6.74
CA VAL A 75 -25.38 4.52 -8.18
C VAL A 75 -24.34 5.35 -8.92
N TYR A 76 -24.02 6.52 -8.38
CA TYR A 76 -23.05 7.39 -8.99
C TYR A 76 -21.74 6.64 -9.21
N VAL A 77 -21.22 6.08 -8.13
CA VAL A 77 -19.98 5.31 -8.16
C VAL A 77 -20.16 4.06 -9.01
N GLY A 78 -21.28 3.37 -8.81
CA GLY A 78 -21.60 2.19 -9.61
C GLY A 78 -21.60 2.47 -11.10
N LYS A 79 -22.24 3.57 -11.51
CA LYS A 79 -22.28 3.96 -12.92
C LYS A 79 -20.87 4.20 -13.48
N LYS A 80 -20.10 5.05 -12.81
CA LYS A 80 -18.77 5.40 -13.28
C LYS A 80 -17.91 4.16 -13.49
N GLU A 81 -17.97 3.23 -12.54
CA GLU A 81 -17.18 2.02 -12.69
C GLU A 81 -17.70 1.18 -13.85
N TYR A 82 -19.01 1.05 -13.95
CA TYR A 82 -19.60 0.21 -14.98
C TYR A 82 -19.26 0.67 -16.39
N TYR A 83 -19.46 1.95 -16.67
CA TYR A 83 -19.26 2.44 -18.03
C TYR A 83 -17.80 2.45 -18.42
N LYS A 84 -16.95 2.67 -17.42
CA LYS A 84 -15.52 2.62 -17.68
C LYS A 84 -15.10 1.22 -18.16
N TYR A 85 -15.61 0.19 -17.49
CA TYR A 85 -15.13 -1.17 -17.73
C TYR A 85 -15.89 -1.90 -18.84
N LYS A 86 -17.12 -1.45 -19.09
CA LYS A 86 -17.88 -1.93 -20.24
C LYS A 86 -17.01 -1.80 -21.49
N LYS A 87 -16.30 -0.69 -21.59
CA LYS A 87 -15.49 -0.39 -22.78
C LYS A 87 -14.37 -1.38 -23.05
N VAL A 88 -14.10 -2.26 -22.09
CA VAL A 88 -13.01 -3.22 -22.16
C VAL A 88 -13.38 -4.44 -23.00
N PRO A 89 -12.78 -4.58 -24.19
CA PRO A 89 -13.07 -5.74 -25.04
C PRO A 89 -12.47 -6.96 -24.38
N PRO A 90 -13.31 -7.95 -24.01
CA PRO A 90 -12.92 -9.18 -23.31
C PRO A 90 -11.63 -9.82 -23.83
N GLU A 91 -11.34 -9.61 -25.12
CA GLU A 91 -10.05 -9.99 -25.69
C GLU A 91 -8.91 -9.31 -24.91
N LEU A 92 -9.00 -7.98 -24.76
CA LEU A 92 -7.95 -7.21 -24.09
C LEU A 92 -7.77 -7.61 -22.62
N PHE A 93 -8.87 -7.97 -21.95
CA PHE A 93 -8.80 -8.38 -20.55
C PHE A 93 -8.01 -9.67 -20.42
N GLN A 94 -8.39 -10.68 -21.21
CA GLN A 94 -7.78 -11.99 -21.12
C GLN A 94 -6.34 -11.95 -21.62
N GLU A 95 -6.12 -11.14 -22.66
CA GLU A 95 -4.79 -10.94 -23.23
C GLU A 95 -3.81 -10.32 -22.22
N ILE A 96 -4.28 -9.35 -21.46
CA ILE A 96 -3.48 -8.80 -20.38
C ILE A 96 -3.35 -9.80 -19.24
N MET A 97 -4.46 -10.44 -18.88
CA MET A 97 -4.50 -11.37 -17.74
C MET A 97 -3.50 -12.52 -17.87
N ILE A 98 -3.43 -13.14 -19.04
CA ILE A 98 -2.50 -14.24 -19.24
C ILE A 98 -1.07 -13.75 -19.38
N THR A 99 -0.91 -12.58 -20.01
CA THR A 99 0.41 -11.99 -20.22
C THR A 99 1.01 -11.65 -18.86
N SER A 100 0.16 -11.17 -17.96
CA SER A 100 0.56 -10.87 -16.60
C SER A 100 1.09 -12.11 -15.88
N THR A 101 0.28 -13.16 -15.80
CA THR A 101 0.67 -14.39 -15.10
C THR A 101 1.97 -14.96 -15.66
N MET A 102 2.11 -14.90 -16.99
CA MET A 102 3.32 -15.37 -17.64
C MET A 102 4.52 -14.45 -17.40
N LEU A 103 4.28 -13.15 -17.30
CA LEU A 103 5.36 -12.23 -16.95
C LEU A 103 5.71 -12.48 -15.48
N GLU A 104 4.69 -12.67 -14.66
CA GLU A 104 4.85 -12.93 -13.23
C GLU A 104 5.74 -14.14 -12.99
N GLN A 105 5.39 -15.27 -13.61
CA GLN A 105 6.11 -16.53 -13.37
C GLN A 105 7.51 -16.54 -13.96
N LYS A 106 7.71 -15.82 -15.06
CA LYS A 106 9.03 -15.72 -15.68
C LYS A 106 9.95 -14.90 -14.76
N TRP A 107 9.41 -13.81 -14.22
CA TRP A 107 10.14 -12.91 -13.33
C TRP A 107 10.74 -13.64 -12.14
N GLU A 108 9.97 -14.57 -11.57
CA GLU A 108 10.40 -15.38 -10.45
C GLU A 108 11.72 -16.09 -10.77
N ILE A 109 11.83 -16.59 -11.99
CA ILE A 109 12.99 -17.36 -12.40
C ILE A 109 14.17 -16.46 -12.73
N ALA A 110 13.92 -15.40 -13.50
CA ALA A 110 14.98 -14.50 -13.95
C ALA A 110 15.56 -13.59 -12.87
N LYS A 111 14.78 -13.31 -11.82
CA LYS A 111 15.18 -12.31 -10.81
C LYS A 111 16.46 -12.63 -10.03
N PRO A 112 16.59 -13.86 -9.51
CA PRO A 112 17.84 -14.19 -8.80
C PRO A 112 19.08 -13.99 -9.66
N ARG A 113 18.93 -13.94 -10.98
CA ARG A 113 20.07 -13.79 -11.86
C ARG A 113 20.12 -12.43 -12.55
N GLY A 114 19.17 -11.57 -12.20
CA GLY A 114 19.09 -10.24 -12.77
C GLY A 114 19.02 -10.29 -14.29
N ASP A 115 18.45 -11.37 -14.82
CA ASP A 115 18.43 -11.62 -16.27
C ASP A 115 17.27 -10.85 -16.85
N PHE A 116 17.54 -9.64 -17.34
CA PHE A 116 16.47 -8.81 -17.83
C PHE A 116 15.90 -9.38 -19.13
N GLU A 117 16.75 -10.07 -19.89
CA GLU A 117 16.36 -10.57 -21.21
C GLU A 117 15.29 -11.66 -21.16
N GLU A 118 15.33 -12.49 -20.12
CA GLU A 118 14.30 -13.51 -19.93
C GLU A 118 12.91 -12.91 -19.68
N VAL A 119 12.85 -11.67 -19.19
CA VAL A 119 11.54 -11.05 -18.92
C VAL A 119 11.21 -9.90 -19.88
N ARG A 120 12.22 -9.41 -20.59
CA ARG A 120 12.04 -8.27 -21.51
C ARG A 120 10.86 -8.39 -22.50
N PRO A 121 10.75 -9.51 -23.24
CA PRO A 121 9.73 -9.54 -24.29
C PRO A 121 8.31 -9.43 -23.73
N LEU A 122 8.02 -10.18 -22.67
CA LEU A 122 6.72 -10.09 -22.03
C LEU A 122 6.45 -8.72 -21.40
N LEU A 123 7.49 -8.08 -20.87
CA LEU A 123 7.34 -6.76 -20.27
C LEU A 123 7.02 -5.70 -21.33
N GLU A 124 7.71 -5.76 -22.47
CA GLU A 124 7.42 -4.78 -23.52
C GLU A 124 6.05 -5.02 -24.14
N LYS A 125 5.59 -6.27 -24.05
CA LYS A 125 4.25 -6.63 -24.48
C LYS A 125 3.19 -6.06 -23.54
N ILE A 126 3.36 -6.31 -22.24
CA ILE A 126 2.41 -5.82 -21.24
C ILE A 126 2.32 -4.28 -21.20
N VAL A 127 3.42 -3.60 -21.50
CA VAL A 127 3.42 -2.13 -21.56
C VAL A 127 2.65 -1.65 -22.78
N ASP A 128 2.79 -2.38 -23.88
CA ASP A 128 2.04 -2.06 -25.09
C ASP A 128 0.54 -2.19 -24.87
N LEU A 129 0.11 -3.32 -24.33
CA LEU A 129 -1.30 -3.51 -24.00
C LEU A 129 -1.80 -2.40 -23.09
N SER A 130 -1.00 -2.08 -22.07
CA SER A 130 -1.36 -1.03 -21.11
C SER A 130 -1.63 0.29 -21.80
N ARG A 131 -0.77 0.64 -22.75
CA ARG A 131 -0.93 1.87 -23.52
C ARG A 131 -2.20 1.85 -24.37
N LYS A 132 -2.58 0.69 -24.87
CA LYS A 132 -3.82 0.54 -25.62
C LYS A 132 -4.97 0.64 -24.66
N TYR A 133 -4.82 -0.05 -23.53
CA TYR A 133 -5.79 -0.01 -22.45
C TYR A 133 -6.05 1.43 -22.01
N ALA A 134 -4.99 2.22 -21.91
CA ALA A 134 -5.09 3.61 -21.51
C ALA A 134 -5.79 4.45 -22.56
N ASP A 135 -5.55 4.14 -23.83
CA ASP A 135 -6.22 4.85 -24.92
C ASP A 135 -7.74 4.61 -24.91
N ILE A 136 -8.15 3.37 -24.68
CA ILE A 136 -9.57 3.05 -24.74
C ILE A 136 -10.28 3.16 -23.40
N LEU A 137 -9.59 3.71 -22.41
CA LEU A 137 -10.26 4.14 -21.18
C LEU A 137 -10.47 5.64 -21.31
N GLY A 138 -9.59 6.27 -22.08
CA GLY A 138 -9.62 7.71 -22.27
C GLY A 138 -8.85 8.41 -21.17
N TYR A 139 -8.33 9.60 -21.46
CA TYR A 139 -7.54 10.32 -20.47
C TYR A 139 -7.47 11.81 -20.71
N GLU A 140 -7.24 12.56 -19.63
CA GLU A 140 -6.86 13.97 -19.73
C GLU A 140 -5.34 14.11 -19.55
N GLY A 141 -4.73 14.98 -20.33
CA GLY A 141 -3.34 15.37 -20.14
C GLY A 141 -2.30 14.33 -20.57
N GLU A 142 -2.43 13.12 -20.04
CA GLU A 142 -1.42 12.07 -20.23
C GLU A 142 -2.10 10.71 -20.32
N PRO A 143 -1.63 9.86 -21.24
CA PRO A 143 -2.08 8.46 -21.25
C PRO A 143 -1.93 7.84 -19.85
N TYR A 144 -0.83 8.14 -19.18
CA TYR A 144 -0.55 7.58 -17.85
C TYR A 144 -1.63 7.94 -16.85
N ASN A 145 -2.26 9.10 -17.02
CA ASN A 145 -3.35 9.51 -16.13
C ASN A 145 -4.53 8.54 -16.12
N ALA A 146 -4.70 7.77 -17.19
CA ALA A 146 -5.74 6.75 -17.22
C ALA A 146 -5.45 5.66 -16.20
N LEU A 147 -4.21 5.15 -16.21
CA LEU A 147 -3.86 4.04 -15.32
C LEU A 147 -3.75 4.52 -13.87
N LEU A 148 -3.15 5.68 -13.66
CA LEU A 148 -3.06 6.30 -12.35
C LEU A 148 -4.44 6.41 -11.70
N ASP A 149 -5.44 6.74 -12.51
CA ASP A 149 -6.81 6.96 -12.04
C ASP A 149 -7.44 5.70 -11.42
N LEU A 150 -7.00 4.53 -11.88
CA LEU A 150 -7.52 3.27 -11.37
C LEU A 150 -7.12 3.02 -9.91
N TYR A 151 -5.98 3.55 -9.50
CA TYR A 151 -5.50 3.35 -8.13
C TYR A 151 -5.79 4.58 -7.26
N GLU A 152 -5.73 5.77 -7.86
CA GLU A 152 -5.99 7.00 -7.14
C GLU A 152 -6.92 7.85 -7.98
N PRO A 153 -8.23 7.61 -7.88
CA PRO A 153 -9.25 8.28 -8.70
C PRO A 153 -9.15 9.79 -8.62
N GLY A 154 -9.03 10.46 -9.77
CA GLY A 154 -9.07 11.90 -9.85
C GLY A 154 -7.71 12.53 -9.71
N MET A 155 -6.70 11.71 -9.42
CA MET A 155 -5.34 12.21 -9.28
C MET A 155 -4.70 12.28 -10.66
N LYS A 156 -3.97 13.37 -10.92
CA LYS A 156 -3.28 13.56 -12.19
C LYS A 156 -1.77 13.52 -12.01
N ALA A 157 -1.07 13.01 -13.01
CA ALA A 157 0.39 12.84 -12.91
C ALA A 157 1.12 14.17 -12.71
N GLU A 158 0.51 15.25 -13.17
CA GLU A 158 1.16 16.55 -13.08
C GLU A 158 1.18 17.04 -11.65
N GLU A 159 0.07 16.87 -10.94
CA GLU A 159 0.05 17.20 -9.53
C GLU A 159 1.01 16.31 -8.73
N VAL A 160 1.04 15.03 -9.08
CA VAL A 160 1.94 14.08 -8.41
C VAL A 160 3.38 14.53 -8.59
N ASP A 161 3.68 14.97 -9.80
CA ASP A 161 5.02 15.44 -10.14
C ASP A 161 5.41 16.68 -9.31
N GLN A 162 4.46 17.60 -9.14
CA GLN A 162 4.72 18.83 -8.41
C GLN A 162 4.96 18.55 -6.94
N ILE A 163 4.11 17.71 -6.35
CA ILE A 163 4.31 17.33 -4.95
C ILE A 163 5.63 16.55 -4.79
N PHE A 164 5.90 15.63 -5.70
CA PHE A 164 7.11 14.82 -5.60
C PHE A 164 8.39 15.65 -5.62
N SER A 165 8.46 16.63 -6.53
CA SER A 165 9.61 17.53 -6.63
C SER A 165 9.91 18.23 -5.31
N LYS A 166 8.89 18.84 -4.71
CA LYS A 166 9.06 19.53 -3.43
C LYS A 166 9.50 18.55 -2.36
N VAL A 167 8.85 17.39 -2.34
CA VAL A 167 9.19 16.35 -1.39
C VAL A 167 10.65 15.93 -1.56
N ARG A 168 11.08 15.74 -2.80
CA ARG A 168 12.47 15.35 -3.10
C ARG A 168 13.52 16.35 -2.59
N ASP A 169 13.28 17.63 -2.90
CA ASP A 169 14.18 18.69 -2.48
C ASP A 169 14.33 18.69 -0.96
N PHE A 170 13.22 18.65 -0.25
CA PHE A 170 13.27 18.59 1.21
C PHE A 170 14.04 17.37 1.71
N ILE A 171 13.83 16.23 1.06
CA ILE A 171 14.51 14.99 1.47
C ILE A 171 16.03 15.00 1.29
N VAL A 172 16.53 15.57 0.19
CA VAL A 172 17.99 15.65 0.03
C VAL A 172 18.61 16.58 1.06
N GLU A 173 17.92 17.68 1.38
CA GLU A 173 18.38 18.59 2.40
C GLU A 173 18.50 17.87 3.74
N VAL A 174 17.46 17.11 4.08
CA VAL A 174 17.42 16.39 5.33
C VAL A 174 18.48 15.30 5.36
N LEU A 175 18.57 14.55 4.27
CA LEU A 175 19.52 13.43 4.19
C LEU A 175 20.94 13.89 4.43
N GLU A 176 21.25 15.09 3.97
CA GLU A 176 22.61 15.60 4.00
C GLU A 176 23.04 15.96 5.42
N LYS A 177 22.11 16.49 6.20
CA LYS A 177 22.39 16.81 7.59
C LYS A 177 22.52 15.52 8.38
N ILE A 178 21.68 14.54 8.08
CA ILE A 178 21.70 13.29 8.83
C ILE A 178 22.98 12.50 8.57
N GLU A 179 23.41 12.49 7.31
CA GLU A 179 24.58 11.70 6.90
C GLU A 179 25.94 12.14 7.46
N ARG A 180 26.03 13.40 7.89
CA ARG A 180 27.26 13.93 8.50
C ARG A 180 27.56 13.24 9.83
N LEU A 181 26.50 12.82 10.52
CA LEU A 181 26.63 12.27 11.87
C LEU A 181 27.17 10.84 11.88
N PRO A 182 28.06 10.54 12.84
CA PRO A 182 28.44 9.14 13.07
C PRO A 182 27.23 8.32 13.56
N LYS A 183 27.08 7.11 13.02
CA LYS A 183 25.98 6.25 13.42
C LYS A 183 26.31 5.61 14.74
N SER A 184 25.29 5.34 15.55
CA SER A 184 25.50 4.52 16.72
C SER A 184 25.36 3.06 16.32
N GLU A 185 25.79 2.17 17.20
CA GLU A 185 25.54 0.77 17.00
C GLU A 185 24.03 0.47 17.00
N ASP A 186 23.63 -0.48 16.19
CA ASP A 186 22.23 -0.87 16.09
C ASP A 186 21.90 -1.92 17.13
N PRO A 187 21.12 -1.56 18.14
CA PRO A 187 20.74 -2.51 19.19
C PRO A 187 19.91 -3.71 18.70
N PHE A 188 19.23 -3.57 17.57
CA PHE A 188 18.41 -4.68 17.09
C PHE A 188 19.17 -5.63 16.16
N ASN A 189 20.45 -5.36 15.96
CA ASN A 189 21.25 -6.15 15.04
C ASN A 189 21.74 -7.40 15.76
N ARG A 190 20.84 -8.35 15.97
CA ARG A 190 21.15 -9.53 16.78
C ARG A 190 20.07 -10.57 16.56
N GLU A 191 20.37 -11.81 16.90
CA GLU A 191 19.43 -12.90 16.71
C GLU A 191 18.37 -12.94 17.80
N ILE A 192 17.10 -12.95 17.39
CA ILE A 192 16.00 -13.13 18.31
C ILE A 192 15.15 -14.23 17.72
N GLY A 193 14.97 -15.32 18.48
CA GLY A 193 14.28 -16.49 17.98
C GLY A 193 12.88 -16.19 17.46
N VAL A 194 12.49 -16.91 16.42
CA VAL A 194 11.19 -16.73 15.81
C VAL A 194 10.06 -16.91 16.83
N ASP A 195 10.20 -17.86 17.74
CA ASP A 195 9.18 -18.06 18.78
C ASP A 195 8.99 -16.80 19.63
N LYS A 196 10.08 -16.17 20.06
CA LYS A 196 9.97 -14.89 20.76
C LYS A 196 9.37 -13.80 19.86
N GLN A 197 9.77 -13.78 18.58
CA GLN A 197 9.19 -12.80 17.65
C GLN A 197 7.67 -12.98 17.46
N LYS A 198 7.22 -14.23 17.40
CA LYS A 198 5.80 -14.55 17.26
C LYS A 198 5.07 -14.11 18.51
N GLU A 199 5.62 -14.46 19.67
CA GLU A 199 5.05 -14.02 20.94
C GLU A 199 4.86 -12.51 20.96
N PHE A 200 5.85 -11.76 20.51
CA PHE A 200 5.72 -10.31 20.54
C PHE A 200 4.72 -9.78 19.52
N SER A 201 4.69 -10.36 18.33
CA SER A 201 3.74 -9.90 17.32
C SER A 201 2.31 -10.15 17.78
N ASN A 202 2.10 -11.31 18.39
CA ASN A 202 0.80 -11.60 18.96
C ASN A 202 0.45 -10.70 20.14
N TRP A 203 1.42 -10.39 20.98
CA TRP A 203 1.18 -9.41 22.03
C TRP A 203 0.78 -8.04 21.46
N LEU A 204 1.50 -7.60 20.44
CA LEU A 204 1.24 -6.32 19.79
C LEU A 204 -0.18 -6.25 19.26
N LEU A 205 -0.61 -7.33 18.62
CA LEU A 205 -1.94 -7.36 18.01
C LEU A 205 -3.03 -7.29 19.07
N HIS A 206 -2.75 -7.83 20.26
CA HIS A 206 -3.70 -7.77 21.36
C HIS A 206 -3.70 -6.40 22.03
N TYR A 207 -2.53 -5.79 22.09
CA TYR A 207 -2.37 -4.45 22.61
C TYR A 207 -3.06 -3.46 21.69
N LEU A 208 -3.02 -3.71 20.39
CA LEU A 208 -3.69 -2.86 19.42
C LEU A 208 -5.15 -3.25 19.26
N LYS A 209 -5.51 -4.37 19.87
CA LYS A 209 -6.87 -4.92 19.79
C LYS A 209 -7.30 -5.26 18.36
N TYR A 210 -6.45 -6.00 17.67
CA TYR A 210 -6.84 -6.72 16.47
C TYR A 210 -7.96 -7.67 16.83
N ASP A 211 -9.01 -7.68 16.03
CA ASP A 211 -10.16 -8.51 16.34
C ASP A 211 -9.93 -9.89 15.78
N PHE A 212 -9.46 -10.80 16.63
CA PHE A 212 -9.16 -12.17 16.20
C PHE A 212 -10.43 -13.00 15.96
N THR A 213 -11.61 -12.46 16.27
CA THR A 213 -12.84 -13.13 15.86
C THR A 213 -13.12 -12.85 14.38
N LYS A 214 -12.42 -11.87 13.81
CA LYS A 214 -12.70 -11.45 12.43
C LYS A 214 -11.44 -11.42 11.55
N GLY A 215 -10.38 -12.07 12.02
CA GLY A 215 -9.15 -12.15 11.23
C GLY A 215 -8.16 -13.12 11.85
N ARG A 216 -6.97 -13.21 11.28
CA ARG A 216 -5.93 -14.03 11.88
C ARG A 216 -4.60 -13.60 11.32
N LEU A 217 -3.52 -14.01 11.97
CA LEU A 217 -2.18 -13.72 11.51
C LEU A 217 -1.53 -15.00 11.04
N ASP A 218 -0.84 -14.94 9.90
CA ASP A 218 -0.07 -16.06 9.37
C ASP A 218 1.24 -15.54 8.77
N VAL A 219 2.07 -16.41 8.22
CA VAL A 219 3.26 -15.94 7.56
C VAL A 219 3.15 -16.13 6.07
N SER A 220 3.83 -15.27 5.32
CA SER A 220 3.99 -15.43 3.89
C SER A 220 5.32 -14.84 3.49
N ALA A 221 5.68 -14.99 2.23
CA ALA A 221 6.96 -14.51 1.74
C ALA A 221 6.93 -12.99 1.74
N HIS A 222 5.76 -12.43 1.45
CA HIS A 222 5.59 -10.98 1.39
C HIS A 222 4.35 -10.50 2.15
N PRO A 223 4.54 -9.86 3.31
CA PRO A 223 3.45 -9.44 4.19
C PRO A 223 2.35 -8.71 3.47
N PHE A 224 1.10 -9.06 3.76
CA PHE A 224 -0.02 -8.39 3.09
C PHE A 224 -1.27 -8.47 3.94
N THR A 225 -2.32 -7.79 3.49
CA THR A 225 -3.61 -7.80 4.15
C THR A 225 -4.62 -8.25 3.11
N ASN A 226 -5.48 -9.20 3.48
CA ASN A 226 -6.46 -9.70 2.54
C ASN A 226 -7.86 -9.70 3.15
N PRO A 227 -8.69 -8.72 2.75
CA PRO A 227 -10.11 -8.74 3.14
C PRO A 227 -10.79 -9.85 2.40
N ILE A 228 -11.00 -10.99 3.04
CA ILE A 228 -11.58 -12.13 2.35
C ILE A 228 -13.11 -12.09 2.28
N GLY A 229 -13.74 -11.77 3.39
CA GLY A 229 -15.18 -11.75 3.43
C GLY A 229 -15.66 -10.87 4.56
N LEU A 230 -16.97 -10.78 4.72
CA LEU A 230 -17.54 -10.08 5.85
C LEU A 230 -16.98 -10.70 7.13
N ASN A 231 -16.46 -9.87 8.02
CA ASN A 231 -15.83 -10.33 9.26
C ASN A 231 -14.69 -11.31 9.05
N ASP A 232 -13.95 -11.15 7.95
CA ASP A 232 -12.82 -12.01 7.68
C ASP A 232 -11.75 -11.21 6.95
N VAL A 233 -10.84 -10.61 7.72
CA VAL A 233 -9.79 -9.78 7.15
C VAL A 233 -8.46 -10.25 7.72
N ARG A 234 -7.63 -10.85 6.87
CA ARG A 234 -6.47 -11.55 7.36
C ARG A 234 -5.21 -10.81 7.01
N ILE A 235 -4.19 -10.98 7.85
CA ILE A 235 -2.90 -10.32 7.68
C ILE A 235 -1.75 -11.33 7.76
N THR A 236 -0.66 -11.06 7.08
CA THR A 236 0.51 -11.91 7.21
C THR A 236 1.71 -11.06 7.58
N THR A 237 2.68 -11.70 8.23
CA THR A 237 3.96 -11.10 8.53
C THR A 237 5.08 -12.06 8.13
N ARG A 238 6.31 -11.66 8.38
CA ARG A 238 7.49 -12.45 8.04
C ARG A 238 8.55 -12.27 9.15
N TYR A 239 9.07 -13.39 9.66
CA TYR A 239 10.03 -13.34 10.74
C TYR A 239 11.50 -13.44 10.27
N ILE A 240 12.24 -12.37 10.43
CA ILE A 240 13.66 -12.40 10.09
C ILE A 240 14.43 -12.45 11.38
N VAL A 241 15.16 -13.55 11.56
CA VAL A 241 15.75 -13.92 12.85
C VAL A 241 16.63 -12.80 13.41
N ASN A 242 17.36 -12.14 12.52
CA ASN A 242 18.31 -11.09 12.93
C ASN A 242 17.80 -9.67 12.76
N ASP A 243 16.51 -9.51 12.44
CA ASP A 243 15.88 -8.20 12.53
C ASP A 243 14.40 -8.29 12.89
N ILE A 244 14.15 -8.43 14.19
CA ILE A 244 12.80 -8.41 14.73
C ILE A 244 11.97 -7.20 14.27
N ARG A 245 12.61 -6.10 13.85
CA ARG A 245 11.84 -4.93 13.38
C ARG A 245 11.03 -5.26 12.13
N ASN A 246 11.52 -6.19 11.33
CA ASN A 246 10.77 -6.60 10.16
C ASN A 246 9.41 -7.16 10.53
N SER A 247 9.37 -8.09 11.48
CA SER A 247 8.08 -8.70 11.84
C SER A 247 7.20 -7.71 12.62
N ILE A 248 7.81 -6.96 13.52
CA ILE A 248 7.10 -5.95 14.30
C ILE A 248 6.36 -4.98 13.37
N TYR A 249 7.10 -4.36 12.47
CA TYR A 249 6.50 -3.32 11.66
C TYR A 249 5.66 -3.81 10.48
N SER A 250 5.96 -5.02 9.98
CA SER A 250 5.08 -5.67 9.01
C SER A 250 3.70 -5.95 9.63
N THR A 251 3.73 -6.57 10.80
CA THR A 251 2.51 -6.86 11.54
C THR A 251 1.68 -5.60 11.77
N ILE A 252 2.32 -4.53 12.27
CA ILE A 252 1.58 -3.29 12.54
C ILE A 252 1.10 -2.63 11.24
N HIS A 253 1.94 -2.62 10.22
CA HIS A 253 1.54 -2.10 8.90
C HIS A 253 0.25 -2.78 8.45
N GLU A 254 0.23 -4.12 8.49
CA GLU A 254 -0.94 -4.87 8.01
C GLU A 254 -2.17 -4.68 8.91
N PHE A 255 -1.92 -4.53 10.22
CA PHE A 255 -2.98 -4.17 11.14
C PHE A 255 -3.69 -2.91 10.66
N GLY A 256 -2.92 -1.90 10.26
CA GLY A 256 -3.45 -0.67 9.72
C GLY A 256 -4.40 -0.86 8.54
N HIS A 257 -4.01 -1.65 7.55
CA HIS A 257 -4.90 -1.97 6.44
C HIS A 257 -6.15 -2.69 6.97
N ALA A 258 -5.95 -3.67 7.85
CA ALA A 258 -7.03 -4.52 8.33
C ALA A 258 -8.09 -3.70 9.05
N LEU A 259 -7.63 -2.79 9.91
CA LEU A 259 -8.54 -1.92 10.65
C LEU A 259 -9.45 -1.13 9.71
N TYR A 260 -8.87 -0.62 8.62
CA TYR A 260 -9.62 0.13 7.61
C TYR A 260 -10.71 -0.74 7.02
N ALA A 261 -10.32 -1.91 6.53
CA ALA A 261 -11.31 -2.82 5.91
C ALA A 261 -12.45 -3.19 6.87
N LEU A 262 -12.12 -3.57 8.09
CA LEU A 262 -13.10 -3.95 9.12
C LEU A 262 -14.02 -2.79 9.55
N SER A 263 -13.58 -1.55 9.38
CA SER A 263 -14.34 -0.42 9.94
C SER A 263 -15.23 0.30 8.92
N ILE A 264 -15.14 -0.12 7.66
CA ILE A 264 -16.10 0.33 6.65
C ILE A 264 -17.49 -0.21 7.05
N PRO A 265 -18.56 0.62 6.93
CA PRO A 265 -19.88 0.17 7.41
C PRO A 265 -20.29 -1.17 6.82
N THR A 266 -20.85 -2.04 7.65
CA THR A 266 -21.29 -3.37 7.22
C THR A 266 -22.29 -3.30 6.06
N GLU A 267 -23.16 -2.30 6.11
CA GLU A 267 -24.16 -2.11 5.07
C GLU A 267 -23.54 -1.82 3.71
N PHE A 268 -22.28 -1.38 3.69
CA PHE A 268 -21.61 -1.15 2.41
C PHE A 268 -20.99 -2.43 1.84
N TYR A 269 -20.98 -3.52 2.61
CA TYR A 269 -20.21 -4.69 2.17
C TYR A 269 -20.69 -5.19 0.84
N GLY A 270 -19.77 -5.39 -0.10
CA GLY A 270 -20.10 -5.97 -1.37
C GLY A 270 -20.52 -4.93 -2.40
N LEU A 271 -20.66 -3.69 -1.96
CA LEU A 271 -21.10 -2.61 -2.84
C LEU A 271 -19.91 -1.82 -3.39
N PRO A 272 -20.12 -1.08 -4.50
CA PRO A 272 -19.04 -0.24 -5.06
C PRO A 272 -18.51 0.78 -4.05
N ILE A 273 -19.35 1.24 -3.14
CA ILE A 273 -18.91 2.18 -2.11
C ILE A 273 -18.29 1.47 -0.90
N GLY A 274 -18.14 0.16 -1.01
CA GLY A 274 -17.71 -0.65 0.10
C GLY A 274 -16.22 -0.86 0.30
N SER A 275 -15.38 -0.26 -0.55
CA SER A 275 -13.95 -0.43 -0.33
C SER A 275 -13.31 0.81 0.25
N SER A 276 -11.98 0.82 0.30
CA SER A 276 -11.26 2.01 0.70
C SER A 276 -11.35 3.08 -0.40
N ALA A 277 -11.10 4.34 -0.06
CA ALA A 277 -11.28 5.45 -1.01
C ALA A 277 -10.32 5.39 -2.19
N SER A 278 -9.09 4.96 -1.92
CA SER A 278 -8.08 4.83 -2.96
C SER A 278 -6.94 3.99 -2.39
N TYR A 279 -6.02 3.56 -3.23
CA TYR A 279 -4.80 2.91 -2.74
C TYR A 279 -4.00 3.86 -1.81
N GLY A 280 -3.87 5.13 -2.21
CA GLY A 280 -3.21 6.11 -1.36
C GLY A 280 -3.83 6.19 0.03
N PHE A 281 -5.15 6.19 0.09
CA PHE A 281 -5.84 6.26 1.36
C PHE A 281 -5.68 4.98 2.18
N ASP A 282 -5.72 3.85 1.50
CA ASP A 282 -5.50 2.59 2.19
C ASP A 282 -4.07 2.58 2.74
N GLU A 283 -3.10 2.97 1.93
CA GLU A 283 -1.71 3.00 2.41
C GLU A 283 -1.46 4.07 3.49
N SER A 284 -2.27 5.13 3.51
CA SER A 284 -2.18 6.13 4.58
C SER A 284 -2.51 5.51 5.93
N GLN A 285 -3.40 4.52 5.90
CA GLN A 285 -3.83 3.85 7.13
C GLN A 285 -2.78 2.87 7.65
N SER A 286 -2.21 2.07 6.77
CA SER A 286 -1.10 1.22 7.16
C SER A 286 0.11 2.04 7.65
N ARG A 287 0.44 3.10 6.94
CA ARG A 287 1.56 3.93 7.34
C ARG A 287 1.30 4.68 8.63
N PHE A 288 0.05 5.13 8.83
CA PHE A 288 -0.31 5.81 10.06
C PHE A 288 0.02 4.93 11.25
N TRP A 289 -0.45 3.68 11.20
CA TRP A 289 -0.24 2.78 12.31
C TRP A 289 1.21 2.34 12.38
N GLU A 290 1.78 1.96 11.25
CA GLU A 290 3.15 1.42 11.26
C GLU A 290 4.16 2.46 11.74
N ASN A 291 4.11 3.65 11.15
CA ASN A 291 5.13 4.67 11.36
C ASN A 291 4.75 5.77 12.34
N VAL A 292 3.66 6.49 12.05
CA VAL A 292 3.23 7.61 12.90
C VAL A 292 2.94 7.13 14.32
N VAL A 293 2.19 6.04 14.45
CA VAL A 293 2.03 5.47 15.76
C VAL A 293 3.24 4.56 16.09
N GLY A 294 3.48 3.55 15.27
CA GLY A 294 4.41 2.49 15.63
C GLY A 294 5.86 2.89 15.84
N ARG A 295 6.34 3.92 15.17
CA ARG A 295 7.74 4.34 15.35
C ARG A 295 7.87 5.60 16.20
N SER A 296 6.82 5.91 16.98
CA SER A 296 6.84 7.08 17.84
C SER A 296 7.38 6.66 19.20
N LEU A 297 8.00 7.61 19.88
CA LEU A 297 8.51 7.38 21.22
C LEU A 297 7.33 7.03 22.13
N ALA A 298 6.23 7.75 21.97
CA ALA A 298 5.01 7.50 22.76
C ALA A 298 4.56 6.05 22.68
N PHE A 299 4.57 5.47 21.49
CA PHE A 299 4.18 4.07 21.34
C PHE A 299 5.18 3.19 22.07
N TRP A 300 6.46 3.47 21.85
CA TRP A 300 7.49 2.65 22.48
C TRP A 300 7.45 2.69 24.01
N LYS A 301 7.17 3.84 24.59
CA LYS A 301 7.07 3.90 26.05
C LYS A 301 6.07 2.88 26.58
N GLY A 302 5.00 2.63 25.83
CA GLY A 302 3.98 1.71 26.29
C GLY A 302 4.28 0.24 26.07
N ILE A 303 5.15 -0.07 25.11
CA ILE A 303 5.42 -1.46 24.77
C ILE A 303 6.76 -1.89 25.34
N TYR A 304 7.48 -0.94 25.91
CA TYR A 304 8.87 -1.17 26.30
C TYR A 304 9.02 -2.30 27.29
N SER A 305 8.28 -2.22 28.38
CA SER A 305 8.42 -3.22 29.44
C SER A 305 8.03 -4.60 28.94
N LYS A 306 7.04 -4.68 28.06
CA LYS A 306 6.67 -5.99 27.54
C LYS A 306 7.74 -6.54 26.61
N PHE A 307 8.30 -5.66 25.77
CA PHE A 307 9.33 -6.07 24.82
C PHE A 307 10.55 -6.59 25.55
N ILE A 308 10.96 -5.83 26.56
CA ILE A 308 12.11 -6.15 27.40
C ILE A 308 11.95 -7.49 28.08
N GLU A 309 10.74 -7.78 28.54
CA GLU A 309 10.47 -9.06 29.17
C GLU A 309 10.64 -10.20 28.16
N ILE A 310 10.01 -10.06 27.01
CA ILE A 310 10.09 -11.05 25.96
C ILE A 310 11.51 -11.20 25.43
N VAL A 311 12.21 -10.09 25.30
CA VAL A 311 13.58 -10.12 24.80
C VAL A 311 14.56 -9.63 25.86
N PRO A 312 14.84 -10.45 26.88
CA PRO A 312 15.70 -9.98 27.97
C PRO A 312 17.07 -9.53 27.49
N GLU A 313 17.52 -10.07 26.35
CA GLU A 313 18.81 -9.68 25.74
C GLU A 313 18.95 -8.18 25.61
N MET A 314 17.83 -7.49 25.39
CA MET A 314 17.88 -6.06 25.14
C MET A 314 17.46 -5.18 26.32
N ARG A 315 17.44 -5.79 27.51
CA ARG A 315 17.19 -5.08 28.76
C ARG A 315 18.12 -3.86 28.95
N GLY A 316 19.32 -3.93 28.41
CA GLY A 316 20.31 -2.90 28.70
C GLY A 316 20.11 -1.62 27.91
N TYR A 317 19.04 -1.57 27.14
CA TYR A 317 18.82 -0.41 26.32
C TYR A 317 17.69 0.41 26.92
N SER A 318 17.76 1.73 26.76
CA SER A 318 16.68 2.57 27.24
C SER A 318 15.59 2.62 26.18
N VAL A 319 14.39 3.02 26.58
CA VAL A 319 13.31 3.14 25.59
C VAL A 319 13.68 4.16 24.51
N GLU A 320 14.39 5.20 24.88
CA GLU A 320 14.80 6.21 23.90
C GLU A 320 15.80 5.66 22.88
N GLU A 321 16.68 4.77 23.33
CA GLU A 321 17.59 4.10 22.41
C GLU A 321 16.86 3.18 21.44
N LEU A 322 15.85 2.47 21.96
CA LEU A 322 15.10 1.55 21.13
C LEU A 322 14.30 2.36 20.11
N TRP A 323 13.70 3.45 20.58
CA TRP A 323 12.91 4.31 19.71
C TRP A 323 13.74 4.85 18.54
N ARG A 324 14.94 5.35 18.83
CA ARG A 324 15.82 5.87 17.80
C ARG A 324 16.22 4.79 16.79
N ALA A 325 16.47 3.59 17.31
CA ALA A 325 16.91 2.46 16.51
C ALA A 325 15.84 1.89 15.57
N VAL A 326 14.57 2.23 15.76
CA VAL A 326 13.57 1.82 14.77
C VAL A 326 13.38 2.94 13.78
N ASN A 327 14.19 3.98 13.95
CA ASN A 327 14.15 5.15 13.08
C ASN A 327 15.50 5.49 12.45
N ARG A 328 16.27 4.45 12.12
CA ARG A 328 17.58 4.62 11.52
C ARG A 328 17.44 4.94 10.04
N VAL A 329 18.10 6.00 9.59
CA VAL A 329 18.02 6.43 8.21
C VAL A 329 19.25 5.92 7.45
N GLN A 330 19.04 5.48 6.21
CA GLN A 330 20.10 4.84 5.44
C GLN A 330 19.66 4.72 3.99
N ARG A 331 20.47 5.18 3.07
CA ARG A 331 20.18 4.97 1.66
C ARG A 331 20.52 3.53 1.35
N SER A 332 19.57 2.83 0.75
CA SER A 332 19.68 1.39 0.51
C SER A 332 19.08 1.10 -0.87
N PHE A 333 19.48 -0.03 -1.46
CA PHE A 333 18.97 -0.42 -2.77
C PHE A 333 17.49 -0.78 -2.77
N ILE A 334 17.02 -1.33 -1.66
CA ILE A 334 15.72 -2.00 -1.61
C ILE A 334 14.56 -1.17 -1.03
N ARG A 335 13.55 -0.90 -1.85
CA ARG A 335 12.42 -0.05 -1.44
C ARG A 335 11.69 -0.52 -0.18
N THR A 336 11.36 -1.81 -0.10
CA THR A 336 10.63 -2.32 1.06
C THR A 336 11.43 -2.23 2.36
N GLU A 337 12.75 -2.10 2.25
CA GLU A 337 13.57 -1.93 3.44
C GLU A 337 13.86 -0.47 3.81
N ALA A 338 13.33 0.49 3.05
CA ALA A 338 13.68 1.90 3.24
C ALA A 338 12.97 2.58 4.39
N ASP A 339 13.73 3.37 5.14
CA ASP A 339 13.26 4.20 6.24
C ASP A 339 12.33 5.27 5.69
N GLU A 340 11.59 5.95 6.57
CA GLU A 340 10.56 6.87 6.08
C GLU A 340 11.11 8.18 5.51
N VAL A 341 12.40 8.42 5.67
CA VAL A 341 13.02 9.57 5.01
C VAL A 341 13.42 9.26 3.55
N THR A 342 14.10 8.15 3.34
CA THR A 342 14.55 7.81 1.98
C THR A 342 13.46 7.16 1.12
N TYR A 343 12.44 6.59 1.76
CA TYR A 343 11.45 5.75 1.09
C TYR A 343 10.84 6.41 -0.14
N ASN A 344 10.39 7.65 0.01
CA ASN A 344 9.72 8.30 -1.11
C ASN A 344 10.61 8.52 -2.34
N LEU A 345 11.93 8.59 -2.14
CA LEU A 345 12.85 8.68 -3.29
C LEU A 345 12.70 7.44 -4.18
N HIS A 346 12.53 6.28 -3.55
CA HIS A 346 12.30 5.05 -4.30
C HIS A 346 11.05 5.14 -5.15
N ILE A 347 9.99 5.74 -4.60
CA ILE A 347 8.71 5.86 -5.33
C ILE A 347 8.82 6.85 -6.49
N ILE A 348 9.45 7.99 -6.26
CA ILE A 348 9.72 8.97 -7.32
C ILE A 348 10.37 8.31 -8.52
N ILE A 349 11.47 7.60 -8.27
CA ILE A 349 12.17 6.87 -9.32
C ILE A 349 11.23 5.98 -10.11
N ARG A 350 10.36 5.24 -9.42
CA ARG A 350 9.45 4.33 -10.12
C ARG A 350 8.36 5.11 -10.85
N PHE A 351 7.91 6.20 -10.25
CA PHE A 351 6.94 7.12 -10.87
C PHE A 351 7.45 7.62 -12.20
N GLU A 352 8.62 8.23 -12.20
CA GLU A 352 9.24 8.78 -13.41
C GLU A 352 9.31 7.75 -14.51
N ILE A 353 9.76 6.55 -14.17
CA ILE A 353 9.94 5.47 -15.14
C ILE A 353 8.64 4.94 -15.76
N GLU A 354 7.65 4.61 -14.95
CA GLU A 354 6.44 4.00 -15.47
C GLU A 354 5.57 5.01 -16.24
N ARG A 355 5.61 6.26 -15.81
CA ARG A 355 4.95 7.35 -16.52
C ARG A 355 5.49 7.47 -17.95
N GLU A 356 6.82 7.54 -18.09
CA GLU A 356 7.47 7.62 -19.40
C GLU A 356 7.22 6.35 -20.21
N LEU A 357 7.19 5.20 -19.54
CA LEU A 357 6.90 3.93 -20.20
C LEU A 357 5.52 3.97 -20.86
N ILE A 358 4.53 4.42 -20.10
CA ILE A 358 3.14 4.40 -20.54
C ILE A 358 2.86 5.54 -21.51
N ASN A 359 3.55 6.66 -21.33
CA ASN A 359 3.43 7.76 -22.27
C ASN A 359 4.31 7.59 -23.50
N GLY A 360 4.92 6.40 -23.64
CA GLY A 360 5.70 6.06 -24.82
C GLY A 360 7.00 6.83 -24.98
N GLU A 361 7.43 7.52 -23.92
CA GLU A 361 8.67 8.30 -23.92
C GLU A 361 9.90 7.52 -23.44
N LEU A 362 9.72 6.26 -23.08
CA LEU A 362 10.82 5.41 -22.67
C LEU A 362 10.53 3.97 -23.06
N SER A 363 11.53 3.27 -23.59
CA SER A 363 11.38 1.86 -23.96
C SER A 363 11.70 0.91 -22.80
N VAL A 364 11.10 -0.28 -22.83
CA VAL A 364 11.38 -1.32 -21.84
C VAL A 364 12.87 -1.65 -21.85
N LYS A 365 13.45 -1.63 -23.05
CA LYS A 365 14.84 -1.96 -23.25
C LYS A 365 15.77 -1.04 -22.44
N ASP A 366 15.38 0.23 -22.31
CA ASP A 366 16.19 1.21 -21.58
C ASP A 366 15.91 1.29 -20.06
N VAL A 367 14.98 0.46 -19.59
CA VAL A 367 14.59 0.49 -18.18
C VAL A 367 15.79 0.29 -17.22
N PRO A 368 16.54 -0.81 -17.38
CA PRO A 368 17.69 -1.01 -16.49
C PRO A 368 18.64 0.17 -16.42
N ASP A 369 19.07 0.72 -17.54
CA ASP A 369 19.95 1.88 -17.51
C ASP A 369 19.28 3.09 -16.86
N LYS A 370 17.98 3.24 -17.07
CA LYS A 370 17.29 4.41 -16.53
C LYS A 370 17.15 4.30 -15.01
N TRP A 371 16.68 3.14 -14.55
CA TRP A 371 16.64 2.81 -13.14
C TRP A 371 17.99 3.14 -12.48
N ASN A 372 19.06 2.57 -13.03
CA ASN A 372 20.38 2.75 -12.44
C ASN A 372 20.76 4.22 -12.40
N GLU A 373 20.44 4.94 -13.46
CA GLU A 373 20.76 6.35 -13.53
C GLU A 373 20.02 7.13 -12.44
N LEU A 374 18.75 6.81 -12.25
CA LEU A 374 17.95 7.56 -11.27
C LEU A 374 18.30 7.18 -9.82
N TYR A 375 18.67 5.93 -9.58
CA TYR A 375 19.17 5.54 -8.27
C TYR A 375 20.45 6.29 -7.95
N LYS A 376 21.25 6.53 -8.98
CA LYS A 376 22.45 7.34 -8.82
C LYS A 376 22.07 8.81 -8.56
N LYS A 377 21.16 9.36 -9.35
CA LYS A 377 20.75 10.75 -9.17
C LYS A 377 20.11 11.03 -7.80
N TYR A 378 19.07 10.29 -7.45
CA TYR A 378 18.29 10.55 -6.23
C TYR A 378 18.82 9.91 -4.95
N LEU A 379 19.41 8.72 -5.05
CA LEU A 379 19.80 8.03 -3.85
C LEU A 379 21.31 7.93 -3.73
N GLY A 380 22.01 8.39 -4.76
CA GLY A 380 23.47 8.39 -4.77
C GLY A 380 24.05 6.99 -4.72
N LEU A 381 23.36 6.02 -5.32
CA LEU A 381 23.78 4.62 -5.29
C LEU A 381 24.15 4.09 -6.67
N ASP A 382 25.14 3.21 -6.70
CA ASP A 382 25.58 2.53 -7.92
C ASP A 382 25.01 1.13 -7.97
N VAL A 383 23.90 0.98 -8.70
CA VAL A 383 23.24 -0.30 -8.78
C VAL A 383 24.15 -1.30 -9.49
N PRO A 384 24.52 -2.38 -8.80
CA PRO A 384 25.48 -3.34 -9.34
C PRO A 384 24.87 -4.31 -10.35
N ASN A 385 23.63 -4.73 -10.10
CA ASN A 385 22.93 -5.69 -10.94
C ASN A 385 21.41 -5.49 -10.87
N ASN A 386 20.67 -6.21 -11.71
CA ASN A 386 19.22 -5.97 -11.81
C ASN A 386 18.42 -6.56 -10.68
N THR A 387 18.98 -7.53 -9.97
CA THR A 387 18.27 -8.12 -8.84
C THR A 387 18.01 -7.10 -7.76
N LEU A 388 18.99 -6.24 -7.54
CA LEU A 388 18.91 -5.17 -6.54
C LEU A 388 18.37 -3.94 -7.21
N GLY A 389 18.34 -3.97 -8.53
CA GLY A 389 17.85 -2.86 -9.31
C GLY A 389 16.41 -3.05 -9.72
N CYS A 390 16.17 -2.97 -11.03
CA CYS A 390 14.82 -2.80 -11.55
C CYS A 390 13.92 -4.03 -11.48
N MET A 391 14.48 -5.19 -11.22
CA MET A 391 13.65 -6.38 -11.05
C MET A 391 13.32 -6.68 -9.59
N GLN A 392 13.59 -5.74 -8.68
CA GLN A 392 13.40 -6.03 -7.26
C GLN A 392 11.94 -6.10 -6.85
N ASP A 393 11.08 -5.38 -7.55
CA ASP A 393 9.65 -5.35 -7.20
C ASP A 393 8.84 -6.08 -8.26
N PRO A 394 7.69 -6.66 -7.86
CA PRO A 394 6.85 -7.45 -8.77
C PRO A 394 5.86 -6.63 -9.60
N HIS A 395 5.52 -5.44 -9.12
CA HIS A 395 4.45 -4.64 -9.71
C HIS A 395 4.40 -4.61 -11.24
N TRP A 396 5.51 -4.21 -11.84
CA TRP A 396 5.57 -4.07 -13.29
C TRP A 396 5.43 -5.41 -13.97
N PHE A 397 5.92 -6.45 -13.29
CA PHE A 397 5.95 -7.80 -13.85
C PHE A 397 4.61 -8.51 -13.62
N GLY A 398 3.68 -7.78 -13.03
CA GLY A 398 2.31 -8.22 -12.91
C GLY A 398 1.43 -7.30 -13.75
N GLY A 399 2.06 -6.34 -14.40
CA GLY A 399 1.35 -5.40 -15.25
C GLY A 399 0.74 -4.19 -14.56
N ASN A 400 0.99 -4.04 -13.25
CA ASN A 400 0.47 -2.87 -12.52
C ASN A 400 1.28 -1.57 -12.67
N PHE A 401 0.75 -0.65 -13.46
CA PHE A 401 1.34 0.66 -13.62
C PHE A 401 0.35 1.69 -13.11
N GLY A 402 0.85 2.71 -12.43
CA GLY A 402 -0.03 3.66 -11.77
C GLY A 402 -0.21 3.31 -10.29
N TYR A 403 0.31 2.16 -9.88
CA TYR A 403 0.22 1.71 -8.50
C TYR A 403 1.28 2.40 -7.62
N PHE A 404 2.54 2.34 -8.05
CA PHE A 404 3.66 2.87 -7.26
C PHE A 404 3.49 4.25 -6.58
N PRO A 405 3.00 5.28 -7.31
CA PRO A 405 2.89 6.61 -6.70
C PRO A 405 2.00 6.64 -5.46
N THR A 406 0.96 5.80 -5.42
CA THR A 406 0.08 5.76 -4.26
C THR A 406 0.79 5.39 -2.95
N TYR A 407 1.92 4.70 -2.99
CA TYR A 407 2.70 4.47 -1.76
C TYR A 407 3.19 5.78 -1.16
N ALA A 408 3.69 6.67 -2.02
CA ALA A 408 4.17 7.98 -1.58
C ALA A 408 3.03 8.86 -1.07
N LEU A 409 1.95 8.94 -1.85
CA LEU A 409 0.73 9.64 -1.43
C LEU A 409 0.24 9.13 -0.08
N GLY A 410 0.36 7.82 0.14
CA GLY A 410 0.01 7.24 1.43
C GLY A 410 0.80 7.88 2.56
N ASN A 411 2.10 8.04 2.35
CA ASN A 411 2.92 8.76 3.35
C ASN A 411 2.46 10.21 3.54
N LEU A 412 2.07 10.87 2.44
CA LEU A 412 1.66 12.26 2.52
C LEU A 412 0.31 12.40 3.22
N TYR A 413 -0.65 11.56 2.84
CA TYR A 413 -1.95 11.54 3.50
C TYR A 413 -1.80 11.29 5.00
N ALA A 414 -0.95 10.35 5.36
CA ALA A 414 -0.80 9.95 6.76
C ALA A 414 -0.34 11.14 7.62
N ALA A 415 0.59 11.94 7.09
CA ALA A 415 1.14 13.05 7.84
C ALA A 415 0.08 14.15 8.03
N GLN A 416 -0.68 14.40 6.97
CA GLN A 416 -1.75 15.41 7.02
C GLN A 416 -2.91 14.95 7.90
N ILE A 417 -3.24 13.67 7.84
CA ILE A 417 -4.28 13.13 8.71
C ILE A 417 -3.82 13.29 10.16
N PHE A 418 -2.57 12.96 10.39
CA PHE A 418 -1.98 13.05 11.73
C PHE A 418 -1.98 14.48 12.29
N GLU A 419 -1.75 15.47 11.42
CA GLU A 419 -1.77 16.87 11.87
C GLU A 419 -3.16 17.29 12.29
N LYS A 420 -4.16 16.75 11.60
CA LYS A 420 -5.53 17.05 11.97
C LYS A 420 -5.91 16.35 13.27
N LEU A 421 -5.59 15.07 13.38
CA LEU A 421 -5.85 14.31 14.61
C LEU A 421 -5.32 15.03 15.83
N LYS A 422 -4.11 15.57 15.70
CA LYS A 422 -3.45 16.27 16.81
C LYS A 422 -4.17 17.52 17.29
N GLU A 423 -5.09 18.06 16.51
CA GLU A 423 -5.84 19.24 16.94
C GLU A 423 -6.96 18.86 17.91
N GLU A 424 -7.37 17.59 17.89
CA GLU A 424 -8.51 17.14 18.67
C GLU A 424 -8.11 16.24 19.83
N ILE A 425 -6.83 15.87 19.85
CA ILE A 425 -6.42 14.76 20.71
C ILE A 425 -4.99 14.94 21.19
N ASN A 426 -4.74 14.62 22.46
CA ASN A 426 -3.37 14.55 22.93
C ASN A 426 -2.77 13.22 22.51
N PHE A 427 -2.17 13.23 21.33
CA PHE A 427 -1.67 12.01 20.68
C PHE A 427 -0.70 11.25 21.58
N GLU A 428 0.30 11.95 22.12
CA GLU A 428 1.34 11.31 22.91
C GLU A 428 0.79 10.62 24.15
N GLU A 429 -0.15 11.26 24.83
CA GLU A 429 -0.72 10.69 26.04
C GLU A 429 -1.57 9.47 25.71
N VAL A 430 -2.42 9.61 24.70
CA VAL A 430 -3.27 8.52 24.24
C VAL A 430 -2.41 7.32 23.86
N VAL A 431 -1.42 7.53 23.01
CA VAL A 431 -0.61 6.44 22.50
C VAL A 431 0.24 5.77 23.57
N SER A 432 0.88 6.56 24.42
CA SER A 432 1.67 5.92 25.49
C SER A 432 0.79 5.23 26.54
N ALA A 433 -0.48 5.64 26.66
CA ALA A 433 -1.40 4.94 27.54
C ALA A 433 -1.94 3.65 26.92
N GLY A 434 -1.80 3.50 25.60
CA GLY A 434 -2.35 2.35 24.90
C GLY A 434 -3.86 2.44 24.66
N ASN A 435 -4.37 3.67 24.63
CA ASN A 435 -5.81 3.89 24.56
C ASN A 435 -6.27 4.15 23.12
N PHE A 436 -6.05 3.16 22.25
CA PHE A 436 -6.11 3.36 20.80
C PHE A 436 -7.51 3.56 20.25
N GLU A 437 -8.53 3.16 21.01
CA GLU A 437 -9.92 3.33 20.60
C GLU A 437 -10.26 4.80 20.30
N ILE A 438 -9.64 5.71 21.03
CA ILE A 438 -9.79 7.13 20.74
C ILE A 438 -9.33 7.45 19.31
N ILE A 439 -8.23 6.83 18.91
CA ILE A 439 -7.68 7.05 17.58
C ILE A 439 -8.54 6.31 16.53
N LYS A 440 -8.93 5.09 16.87
CA LYS A 440 -9.75 4.31 15.96
C LYS A 440 -11.06 5.02 15.67
N ASN A 441 -11.63 5.63 16.72
CA ASN A 441 -12.90 6.32 16.57
C ASN A 441 -12.79 7.53 15.66
N PHE A 442 -11.71 8.28 15.80
CA PHE A 442 -11.45 9.40 14.91
C PHE A 442 -11.33 8.90 13.46
N LEU A 443 -10.54 7.85 13.24
CA LEU A 443 -10.30 7.36 11.89
C LEU A 443 -11.58 6.76 11.30
N LYS A 444 -12.39 6.14 12.14
CA LYS A 444 -13.66 5.59 11.66
C LYS A 444 -14.60 6.71 11.23
N GLU A 445 -14.81 7.68 12.12
CA GLU A 445 -15.76 8.78 11.85
C GLU A 445 -15.33 9.63 10.67
N LYS A 446 -14.03 9.95 10.61
CA LYS A 446 -13.48 10.78 9.55
C LYS A 446 -13.24 10.05 8.23
N ILE A 447 -12.81 8.80 8.33
CA ILE A 447 -12.34 8.13 7.12
C ILE A 447 -13.05 6.82 6.80
N HIS A 448 -12.91 5.83 7.68
CA HIS A 448 -13.38 4.47 7.40
C HIS A 448 -14.87 4.41 7.07
N SER A 449 -15.67 5.22 7.75
CA SER A 449 -17.12 5.23 7.57
C SER A 449 -17.58 5.73 6.20
N LYS A 450 -16.65 6.32 5.45
CA LYS A 450 -16.98 6.91 4.17
C LYS A 450 -16.79 5.91 3.03
N GLY A 451 -16.09 4.82 3.33
CA GLY A 451 -15.79 3.84 2.29
C GLY A 451 -15.27 4.53 1.04
N LYS A 452 -15.93 4.26 -0.08
CA LYS A 452 -15.55 4.82 -1.36
C LYS A 452 -16.63 5.80 -1.86
N MET A 453 -17.39 6.37 -0.94
CA MET A 453 -18.40 7.36 -1.30
C MET A 453 -17.82 8.60 -1.95
N TYR A 454 -16.59 8.94 -1.58
CA TYR A 454 -15.94 10.14 -2.09
C TYR A 454 -14.62 9.84 -2.77
N GLU A 455 -14.30 10.63 -3.78
CA GLU A 455 -12.98 10.62 -4.37
C GLU A 455 -11.97 11.19 -3.36
N PRO A 456 -10.72 10.72 -3.41
CA PRO A 456 -9.70 11.06 -2.40
C PRO A 456 -9.52 12.56 -2.18
N SER A 457 -9.51 13.35 -3.26
CA SER A 457 -9.32 14.80 -3.12
C SER A 457 -10.42 15.41 -2.28
N ASP A 458 -11.66 15.01 -2.54
CA ASP A 458 -12.78 15.44 -1.71
C ASP A 458 -12.65 14.87 -0.30
N LEU A 459 -12.25 13.62 -0.20
CA LEU A 459 -12.13 12.99 1.11
C LEU A 459 -11.06 13.67 2.00
N ILE A 460 -9.90 14.00 1.43
CA ILE A 460 -8.87 14.67 2.23
C ILE A 460 -9.32 16.05 2.73
N LYS A 461 -10.11 16.77 1.93
CA LYS A 461 -10.63 18.08 2.35
C LYS A 461 -11.64 17.93 3.48
N ILE A 462 -12.55 16.97 3.33
CA ILE A 462 -13.51 16.63 4.37
C ILE A 462 -12.82 16.32 5.69
N VAL A 463 -11.72 15.55 5.59
CA VAL A 463 -11.04 15.08 6.78
C VAL A 463 -10.18 16.19 7.40
N THR A 464 -9.47 16.95 6.56
CA THR A 464 -8.44 17.87 7.04
C THR A 464 -8.66 19.34 6.65
N GLY A 465 -9.61 19.60 5.76
CA GLY A 465 -9.92 20.97 5.38
C GLY A 465 -9.07 21.52 4.27
N LYS A 466 -8.11 20.73 3.80
CA LYS A 466 -7.17 21.19 2.78
C LYS A 466 -7.02 20.11 1.72
N PRO A 467 -6.59 20.50 0.51
CA PRO A 467 -6.15 19.48 -0.45
C PRO A 467 -4.89 18.81 0.07
N LEU A 468 -4.51 17.70 -0.56
CA LEU A 468 -3.27 17.03 -0.17
C LEU A 468 -2.08 17.84 -0.63
N SER A 469 -1.10 18.01 0.25
CA SER A 469 0.17 18.59 -0.13
C SER A 469 1.29 18.03 0.78
N TYR A 470 2.48 18.58 0.65
CA TYR A 470 3.66 17.99 1.27
C TYR A 470 4.01 18.65 2.60
N GLU A 471 3.34 19.75 2.93
CA GLU A 471 3.69 20.52 4.13
C GLU A 471 3.55 19.75 5.42
N SER A 472 2.46 18.99 5.56
CA SER A 472 2.29 18.18 6.75
C SER A 472 3.46 17.21 6.88
N PHE A 473 3.83 16.59 5.76
CA PHE A 473 4.93 15.61 5.75
C PHE A 473 6.26 16.26 6.16
N VAL A 474 6.56 17.39 5.52
CA VAL A 474 7.74 18.17 5.84
C VAL A 474 7.80 18.47 7.34
N ARG A 475 6.71 19.01 7.87
CA ARG A 475 6.63 19.27 9.31
C ARG A 475 6.82 18.01 10.14
N TYR A 476 6.19 16.91 9.72
CA TYR A 476 6.32 15.63 10.42
C TYR A 476 7.77 15.15 10.47
N ILE A 477 8.44 15.18 9.33
CA ILE A 477 9.82 14.69 9.24
C ILE A 477 10.81 15.62 9.96
N LYS A 478 10.64 16.94 9.77
CA LYS A 478 11.51 17.91 10.43
C LYS A 478 11.48 17.71 11.94
N ASP A 479 10.28 17.75 12.51
CA ASP A 479 10.08 17.59 13.95
C ASP A 479 10.59 16.25 14.47
N LYS A 480 10.24 15.17 13.79
CA LYS A 480 10.58 13.84 14.29
C LYS A 480 12.07 13.55 14.18
N TYR A 481 12.64 13.81 13.01
CA TYR A 481 14.04 13.41 12.80
C TYR A 481 15.04 14.35 13.47
N SER A 482 14.62 15.57 13.73
CA SER A 482 15.37 16.45 14.62
C SER A 482 15.46 15.84 16.01
N LYS A 483 14.36 15.29 16.52
CA LYS A 483 14.43 14.62 17.83
C LYS A 483 15.22 13.32 17.78
N VAL A 484 15.05 12.55 16.72
CA VAL A 484 15.73 11.27 16.58
C VAL A 484 17.25 11.47 16.56
N TYR A 485 17.72 12.35 15.69
CA TYR A 485 19.16 12.55 15.51
C TYR A 485 19.75 13.71 16.33
N GLU A 486 18.91 14.37 17.12
CA GLU A 486 19.34 15.45 18.01
C GLU A 486 20.04 16.61 17.33
N ILE A 487 19.55 16.98 16.14
CA ILE A 487 20.13 18.09 15.40
C ILE A 487 19.04 18.97 14.83
N GLU A 488 19.37 20.19 14.46
CA GLU A 488 18.40 21.07 13.81
C GLU A 488 18.11 20.53 12.41
N LEU A 489 16.82 20.39 12.10
CA LEU A 489 16.37 19.83 10.82
C LEU A 489 16.98 18.47 10.47
CO CO B . 0.57 -1.49 2.68
#